data_4LCV
#
_entry.id   4LCV
#
_cell.length_a   43.632
_cell.length_b   95.151
_cell.length_c   67.816
_cell.angle_alpha   90.00
_cell.angle_beta   99.95
_cell.angle_gamma   90.00
#
_symmetry.space_group_name_H-M   'P 1 21 1'
#
loop_
_entity.id
_entity.type
_entity.pdbx_description
1 polymer 'Double C2-like domain-containing protein beta'
2 non-polymer 'SULFATE ION'
3 non-polymer BETA-MERCAPTOETHANOL
4 non-polymer 'CALCIUM ION'
5 non-polymer 'CITRATE ANION'
6 water water
#
_entity_poly.entity_id   1
_entity_poly.type   'polypeptide(L)'
_entity_poly.pdbx_seq_one_letter_code
;GGSGSGSTALGTLDFSLLYDQENNALHCTISKAKGLKPMDHNGLADPYVKLHLLPGASKANKLRTKTLRNTLNPSWNETL
TYYGITDEDMIRKTLRISVCDEDKFRHNEFIGETRVPLKKLKPNHTKTFSICLEKQLP
;
_entity_poly.pdbx_strand_id   A,B,C,D
#
# COMPACT_ATOMS: atom_id res chain seq x y z
N ALA A 9 -4.02 -3.01 -6.83
CA ALA A 9 -2.82 -2.65 -6.07
C ALA A 9 -2.57 -3.65 -4.95
N LEU A 10 -1.30 -3.93 -4.70
CA LEU A 10 -0.92 -4.98 -3.76
C LEU A 10 -0.91 -4.51 -2.30
N GLY A 11 -0.83 -3.19 -2.09
CA GLY A 11 -0.79 -2.64 -0.76
C GLY A 11 0.33 -1.62 -0.54
N THR A 12 0.30 -0.95 0.60
CA THR A 12 1.24 0.12 0.91
C THR A 12 2.01 -0.16 2.19
N LEU A 13 3.34 -0.04 2.14
CA LEU A 13 4.19 -0.33 3.30
C LEU A 13 4.87 0.93 3.83
N ASP A 14 4.84 1.11 5.15
CA ASP A 14 5.51 2.23 5.78
C ASP A 14 6.74 1.76 6.52
N PHE A 15 7.87 2.45 6.32
CA PHE A 15 9.11 2.06 6.97
C PHE A 15 10.08 3.23 7.07
N SER A 16 11.11 3.05 7.89
CA SER A 16 12.11 4.09 8.10
C SER A 16 13.50 3.46 8.02
N LEU A 17 14.43 4.18 7.41
CA LEU A 17 15.79 3.68 7.29
C LEU A 17 16.75 4.69 7.92
N LEU A 18 17.71 4.20 8.71
CA LEU A 18 18.72 5.06 9.29
C LEU A 18 20.11 4.48 9.07
N TYR A 19 20.96 5.24 8.37
CA TYR A 19 22.36 4.86 8.24
C TYR A 19 23.09 5.38 9.46
N ASP A 20 23.39 4.46 10.38
CA ASP A 20 24.10 4.75 11.62
C ASP A 20 25.59 4.71 11.31
N GLN A 21 26.11 5.81 10.76
CA GLN A 21 27.44 5.85 10.15
C GLN A 21 28.59 5.54 11.12
N GLU A 22 28.52 6.09 12.33
CA GLU A 22 29.55 5.86 13.35
C GLU A 22 29.69 4.39 13.67
N ASN A 23 28.62 3.64 13.45
CA ASN A 23 28.58 2.23 13.84
C ASN A 23 28.58 1.30 12.65
N ASN A 24 28.65 1.87 11.45
CA ASN A 24 28.62 1.09 10.22
C ASN A 24 27.38 0.19 10.20
N ALA A 25 26.24 0.77 10.55
CA ALA A 25 25.01 0.00 10.71
C ALA A 25 23.86 0.67 9.99
N LEU A 26 22.98 -0.15 9.42
CA LEU A 26 21.76 0.32 8.80
C LEU A 26 20.57 -0.20 9.59
N HIS A 27 19.85 0.68 10.26
CA HIS A 27 18.68 0.28 11.02
C HIS A 27 17.44 0.43 10.14
N CYS A 28 16.76 -0.69 9.91
CA CYS A 28 15.57 -0.70 9.07
C CYS A 28 14.34 -0.95 9.93
N THR A 29 13.57 0.11 10.18
CA THR A 29 12.36 0.00 10.98
C THR A 29 11.15 -0.31 10.10
N ILE A 30 10.65 -1.53 10.21
CA ILE A 30 9.45 -1.93 9.48
C ILE A 30 8.25 -1.61 10.36
N SER A 31 7.46 -0.61 9.97
CA SER A 31 6.42 -0.08 10.84
C SER A 31 5.11 -0.82 10.64
N LYS A 32 4.53 -0.66 9.46
CA LYS A 32 3.23 -1.21 9.15
C LYS A 32 2.94 -1.23 7.66
N ALA A 33 1.92 -2.01 7.28
CA ALA A 33 1.43 -2.05 5.92
C ALA A 33 -0.07 -1.77 5.91
N LYS A 34 -0.60 -1.27 4.80
CA LYS A 34 -2.02 -1.00 4.70
C LYS A 34 -2.62 -1.59 3.42
N GLY A 35 -3.76 -2.26 3.56
CA GLY A 35 -4.49 -2.78 2.41
C GLY A 35 -3.73 -3.82 1.59
N LEU A 36 -3.06 -4.74 2.27
CA LEU A 36 -2.38 -5.84 1.60
C LEU A 36 -3.40 -6.68 0.82
N LYS A 37 -2.98 -7.22 -0.32
CA LYS A 37 -3.89 -7.98 -1.18
C LYS A 37 -3.26 -9.25 -1.70
N PRO A 38 -3.28 -10.33 -0.89
CA PRO A 38 -2.67 -11.62 -1.22
C PRO A 38 -3.24 -12.26 -2.49
N LEU A 44 -7.56 -13.09 3.54
CA LEU A 44 -6.77 -12.83 4.74
C LEU A 44 -5.30 -13.16 4.52
N ALA A 45 -4.45 -12.83 5.50
CA ALA A 45 -3.01 -13.04 5.37
C ALA A 45 -2.30 -13.12 6.73
N ASP A 46 -1.14 -13.78 6.72
CA ASP A 46 -0.24 -13.76 7.87
C ASP A 46 1.06 -13.09 7.42
N PRO A 47 1.06 -11.75 7.38
CA PRO A 47 2.14 -10.99 6.74
C PRO A 47 3.43 -10.97 7.55
N TYR A 48 4.56 -10.99 6.84
CA TYR A 48 5.87 -10.74 7.42
C TYR A 48 6.71 -10.09 6.33
N VAL A 49 7.80 -9.44 6.72
CA VAL A 49 8.62 -8.70 5.77
C VAL A 49 10.04 -9.27 5.72
N LYS A 50 10.58 -9.44 4.52
CA LYS A 50 11.95 -9.92 4.35
C LYS A 50 12.79 -8.80 3.74
N LEU A 51 14.03 -8.66 4.23
CA LEU A 51 14.96 -7.67 3.71
C LEU A 51 16.14 -8.39 3.05
N HIS A 52 16.55 -7.90 1.89
CA HIS A 52 17.77 -8.39 1.23
C HIS A 52 18.60 -7.21 0.74
N LEU A 53 19.89 -7.23 1.07
CA LEU A 53 20.81 -6.22 0.54
C LEU A 53 21.30 -6.67 -0.82
N LEU A 54 21.09 -5.84 -1.83
CA LEU A 54 21.41 -6.20 -3.20
C LEU A 54 22.86 -5.81 -3.55
N PRO A 55 23.41 -6.39 -4.63
CA PRO A 55 24.72 -7.02 -4.48
C PRO A 55 24.88 -7.71 -3.12
N GLY A 56 24.39 -8.94 -3.06
CA GLY A 56 24.44 -9.75 -1.85
C GLY A 56 23.79 -11.11 -1.99
N ALA A 57 24.62 -12.16 -1.96
CA ALA A 57 24.13 -13.53 -2.07
C ALA A 57 24.02 -14.21 -0.71
N SER A 58 25.02 -13.99 0.14
CA SER A 58 25.06 -14.57 1.48
C SER A 58 23.78 -14.31 2.25
N LYS A 59 23.27 -15.34 2.93
CA LYS A 59 22.05 -15.22 3.71
C LYS A 59 22.25 -14.28 4.90
N ALA A 60 23.48 -13.82 5.09
CA ALA A 60 23.77 -12.74 6.00
C ALA A 60 23.10 -11.46 5.50
N ASN A 61 22.93 -11.37 4.18
CA ASN A 61 22.23 -10.24 3.57
C ASN A 61 20.72 -10.29 3.85
N LYS A 62 20.26 -11.41 4.39
CA LYS A 62 18.83 -11.61 4.63
C LYS A 62 18.43 -11.34 6.08
N LEU A 63 17.43 -10.49 6.26
CA LEU A 63 16.84 -10.25 7.57
C LEU A 63 15.33 -10.34 7.41
N ARG A 64 14.61 -10.52 8.51
CA ARG A 64 13.17 -10.75 8.42
C ARG A 64 12.44 -10.35 9.70
N THR A 65 11.23 -9.81 9.56
CA THR A 65 10.41 -9.44 10.71
C THR A 65 9.66 -10.65 11.22
N LYS A 66 9.09 -10.54 12.41
CA LYS A 66 8.17 -11.56 12.91
C LYS A 66 6.95 -11.66 12.00
N THR A 67 6.18 -12.72 12.19
CA THR A 67 4.96 -12.95 11.42
C THR A 67 3.75 -12.47 12.22
N LEU A 68 2.87 -11.71 11.57
CA LEU A 68 1.60 -11.33 12.21
C LEU A 68 0.47 -12.22 11.72
N ARG A 69 -0.61 -12.33 12.49
CA ARG A 69 -1.69 -13.25 12.15
C ARG A 69 -3.00 -12.57 11.70
N ASN A 70 -3.60 -13.12 10.66
CA ASN A 70 -4.94 -12.73 10.20
C ASN A 70 -5.17 -11.23 10.10
N THR A 71 -4.25 -10.53 9.44
CA THR A 71 -4.39 -9.09 9.23
C THR A 71 -3.95 -8.67 7.83
N LEU A 72 -4.70 -7.73 7.26
CA LEU A 72 -4.35 -7.14 5.97
C LEU A 72 -3.74 -5.76 6.19
N ASN A 73 -3.76 -5.32 7.44
CA ASN A 73 -3.13 -4.06 7.84
C ASN A 73 -2.25 -4.26 9.09
N PRO A 74 -1.13 -4.97 8.92
CA PRO A 74 -0.23 -5.33 10.03
C PRO A 74 0.61 -4.17 10.53
N SER A 75 0.86 -4.14 11.84
CA SER A 75 1.81 -3.19 12.41
C SER A 75 2.90 -3.97 13.15
N TRP A 76 4.06 -4.10 12.52
CA TRP A 76 5.19 -4.78 13.15
C TRP A 76 5.90 -3.90 14.16
N ASN A 77 6.11 -2.63 13.80
CA ASN A 77 6.93 -1.71 14.59
C ASN A 77 8.21 -2.37 15.08
N GLU A 78 8.98 -2.92 14.14
CA GLU A 78 10.15 -3.71 14.51
C GLU A 78 11.36 -3.25 13.69
N THR A 79 12.50 -3.09 14.38
CA THR A 79 13.72 -2.64 13.72
C THR A 79 14.70 -3.79 13.44
N LEU A 80 15.18 -3.86 12.21
CA LEU A 80 16.16 -4.87 11.81
C LEU A 80 17.45 -4.15 11.41
N THR A 81 18.59 -4.63 11.90
CA THR A 81 19.86 -3.93 11.70
C THR A 81 20.91 -4.76 10.96
N TYR A 82 21.50 -4.18 9.92
CA TYR A 82 22.68 -4.75 9.27
C TYR A 82 23.93 -4.08 9.84
N TYR A 83 24.98 -4.86 10.04
CA TYR A 83 26.26 -4.28 10.41
C TYR A 83 27.22 -4.44 9.24
N GLY A 84 28.43 -3.90 9.37
CA GLY A 84 29.39 -3.94 8.28
C GLY A 84 29.02 -3.08 7.08
N ILE A 85 28.21 -2.05 7.31
CA ILE A 85 27.82 -1.13 6.24
C ILE A 85 28.78 0.06 6.15
N THR A 86 29.43 0.24 5.01
CA THR A 86 30.35 1.36 4.82
C THR A 86 29.74 2.36 3.86
N ASP A 87 30.38 3.51 3.69
CA ASP A 87 29.92 4.51 2.73
C ASP A 87 29.89 3.91 1.33
N GLU A 88 30.87 3.06 1.03
CA GLU A 88 30.92 2.41 -0.27
C GLU A 88 29.67 1.55 -0.50
N ASP A 89 29.22 0.88 0.55
CA ASP A 89 27.99 0.08 0.47
C ASP A 89 26.78 0.99 0.24
N MET A 90 26.76 2.13 0.91
CA MET A 90 25.70 3.11 0.73
C MET A 90 25.61 3.57 -0.72
N ILE A 91 26.77 3.74 -1.35
CA ILE A 91 26.82 4.16 -2.74
C ILE A 91 26.39 3.02 -3.67
N ARG A 92 26.86 1.81 -3.38
CA ARG A 92 26.70 0.72 -4.34
C ARG A 92 25.44 -0.14 -4.18
N LYS A 93 24.88 -0.20 -2.98
CA LYS A 93 23.86 -1.21 -2.70
C LYS A 93 22.42 -0.72 -2.70
N THR A 94 21.50 -1.69 -2.76
CA THR A 94 20.08 -1.44 -2.77
C THR A 94 19.40 -2.37 -1.77
N LEU A 95 18.48 -1.84 -0.97
CA LEU A 95 17.74 -2.65 -0.02
C LEU A 95 16.46 -3.16 -0.66
N ARG A 96 16.35 -4.47 -0.82
CA ARG A 96 15.11 -5.05 -1.33
C ARG A 96 14.20 -5.38 -0.15
N ILE A 97 12.95 -4.96 -0.24
CA ILE A 97 11.98 -5.18 0.82
C ILE A 97 10.75 -5.93 0.31
N SER A 98 10.60 -7.18 0.73
CA SER A 98 9.50 -8.02 0.28
C SER A 98 8.47 -8.29 1.38
N VAL A 99 7.20 -8.07 1.07
CA VAL A 99 6.13 -8.45 1.98
C VAL A 99 5.59 -9.81 1.57
N CYS A 100 5.62 -10.77 2.48
CA CYS A 100 5.14 -12.10 2.14
C CYS A 100 4.02 -12.56 3.05
N ASP A 101 3.27 -13.55 2.59
CA ASP A 101 2.18 -14.12 3.35
C ASP A 101 2.60 -15.50 3.84
N GLU A 102 2.52 -15.72 5.15
CA GLU A 102 2.89 -17.01 5.71
C GLU A 102 1.69 -17.97 5.70
N ASP A 103 1.82 -19.05 4.95
CA ASP A 103 0.81 -20.10 4.94
C ASP A 103 1.43 -21.35 5.53
N LYS A 104 1.24 -21.54 6.83
CA LYS A 104 1.85 -22.63 7.58
C LYS A 104 1.58 -24.01 6.98
N PHE A 105 2.64 -24.82 6.87
CA PHE A 105 2.58 -26.18 6.33
C PHE A 105 2.25 -26.23 4.83
N ARG A 106 2.14 -25.06 4.22
CA ARG A 106 1.88 -24.95 2.79
C ARG A 106 2.91 -24.00 2.22
N HIS A 107 2.60 -23.39 1.08
CA HIS A 107 3.56 -22.48 0.46
C HIS A 107 3.34 -21.03 0.84
N ASN A 108 4.37 -20.41 1.39
CA ASN A 108 4.34 -18.98 1.66
C ASN A 108 4.21 -18.20 0.35
N GLU A 109 3.37 -17.18 0.34
CA GLU A 109 3.10 -16.44 -0.88
C GLU A 109 3.70 -15.04 -0.86
N PHE A 110 4.26 -14.64 -2.00
CA PHE A 110 4.79 -13.30 -2.19
C PHE A 110 3.60 -12.34 -2.31
N ILE A 111 3.66 -11.20 -1.61
CA ILE A 111 2.59 -10.21 -1.72
C ILE A 111 3.02 -9.02 -2.59
N GLY A 112 4.11 -8.39 -2.21
CA GLY A 112 4.61 -7.23 -2.93
C GLY A 112 6.01 -6.88 -2.49
N GLU A 113 6.67 -6.03 -3.25
CA GLU A 113 8.01 -5.58 -2.89
C GLU A 113 8.26 -4.15 -3.32
N THR A 114 9.37 -3.61 -2.85
CA THR A 114 9.90 -2.35 -3.34
C THR A 114 11.39 -2.46 -3.10
N ARG A 115 12.15 -1.47 -3.55
CA ARG A 115 13.59 -1.44 -3.32
C ARG A 115 14.01 -0.01 -3.02
N VAL A 116 14.99 0.16 -2.15
CA VAL A 116 15.51 1.50 -1.89
C VAL A 116 17.01 1.53 -2.13
N PRO A 117 17.45 2.29 -3.16
CA PRO A 117 18.90 2.49 -3.33
C PRO A 117 19.44 3.21 -2.11
N LEU A 118 20.49 2.69 -1.50
CA LEU A 118 20.98 3.26 -0.25
C LEU A 118 21.57 4.65 -0.44
N LYS A 119 21.95 4.97 -1.67
CA LYS A 119 22.55 6.26 -1.98
C LYS A 119 21.55 7.40 -1.78
N LYS A 120 20.29 7.06 -1.52
CA LYS A 120 19.26 8.07 -1.30
C LYS A 120 19.20 8.51 0.16
N LEU A 121 20.00 7.86 1.01
CA LEU A 121 19.99 8.09 2.44
C LEU A 121 21.14 9.00 2.89
N LYS A 122 20.89 9.79 3.92
CA LYS A 122 21.96 10.61 4.48
C LYS A 122 22.36 10.04 5.82
N PRO A 123 23.68 10.05 6.12
CA PRO A 123 24.21 9.52 7.38
C PRO A 123 23.60 10.17 8.61
N ASN A 124 23.15 9.33 9.55
CA ASN A 124 22.66 9.79 10.84
C ASN A 124 21.33 10.54 10.80
N HIS A 125 20.67 10.47 9.65
CA HIS A 125 19.36 11.09 9.47
C HIS A 125 18.34 10.05 9.02
N THR A 126 17.36 9.78 9.89
CA THR A 126 16.32 8.79 9.58
C THR A 126 15.46 9.34 8.44
N LYS A 127 15.26 8.53 7.41
CA LYS A 127 14.34 8.90 6.34
C LYS A 127 13.16 7.93 6.38
N THR A 128 11.95 8.49 6.33
CA THR A 128 10.74 7.68 6.40
C THR A 128 10.15 7.46 5.00
N PHE A 129 9.55 6.29 4.79
CA PHE A 129 9.02 5.93 3.48
C PHE A 129 7.60 5.41 3.59
N SER A 130 6.80 5.73 2.58
CA SER A 130 5.49 5.13 2.40
C SER A 130 5.36 4.69 0.94
N ILE A 131 5.42 3.39 0.69
CA ILE A 131 5.51 2.87 -0.66
C ILE A 131 4.41 1.90 -1.04
N CYS A 132 3.78 2.15 -2.19
CA CYS A 132 2.85 1.20 -2.80
C CYS A 132 3.65 0.05 -3.42
N LEU A 133 3.40 -1.17 -2.94
CA LEU A 133 4.20 -2.33 -3.34
C LEU A 133 4.03 -2.72 -4.82
N GLU A 134 5.11 -3.28 -5.39
CA GLU A 134 5.08 -3.79 -6.76
C GLU A 134 5.13 -5.31 -6.76
N LYS A 135 4.85 -5.93 -7.90
CA LYS A 135 5.11 -7.35 -8.08
C LYS A 135 6.56 -7.56 -8.50
N GLN A 136 7.00 -8.82 -8.53
CA GLN A 136 8.39 -9.15 -8.85
C GLN A 136 8.78 -8.69 -10.25
N SER B 7 -8.98 1.71 -14.96
CA SER B 7 -9.96 2.32 -14.08
C SER B 7 -9.32 2.80 -12.78
N THR B 8 -8.65 1.89 -12.09
CA THR B 8 -7.96 2.22 -10.85
C THR B 8 -6.45 2.27 -11.05
N ALA B 9 -5.98 1.66 -12.14
CA ALA B 9 -4.59 1.76 -12.53
C ALA B 9 -4.35 3.14 -13.12
N LEU B 10 -4.11 4.12 -12.25
CA LEU B 10 -3.92 5.51 -12.68
C LEU B 10 -2.43 5.86 -12.68
N GLY B 11 -1.61 4.90 -12.26
CA GLY B 11 -0.17 5.12 -12.21
C GLY B 11 0.31 5.40 -10.79
N THR B 12 1.61 5.58 -10.63
CA THR B 12 2.17 5.87 -9.33
C THR B 12 2.92 7.19 -9.34
N LEU B 13 2.98 7.86 -8.18
CA LEU B 13 3.66 9.14 -8.06
C LEU B 13 4.72 9.13 -6.96
N ASP B 14 5.94 9.54 -7.31
CA ASP B 14 7.04 9.61 -6.35
C ASP B 14 7.31 11.05 -5.96
N PHE B 15 7.21 11.33 -4.66
CA PHE B 15 7.44 12.67 -4.15
C PHE B 15 7.94 12.61 -2.71
N SER B 16 8.60 13.68 -2.26
CA SER B 16 9.14 13.70 -0.90
C SER B 16 8.78 15.01 -0.20
N LEU B 17 8.42 14.91 1.07
CA LEU B 17 8.08 16.10 1.84
C LEU B 17 9.10 16.30 2.94
N LEU B 18 9.46 17.56 3.18
CA LEU B 18 10.37 17.92 4.26
C LEU B 18 9.89 19.21 4.90
N TYR B 19 9.51 19.14 6.17
CA TYR B 19 9.14 20.35 6.90
C TYR B 19 10.38 20.93 7.57
N ASP B 20 10.87 22.04 7.02
CA ASP B 20 11.99 22.75 7.65
C ASP B 20 11.41 23.64 8.76
N GLN B 21 11.37 23.11 9.97
CA GLN B 21 10.79 23.81 11.11
C GLN B 21 11.57 25.08 11.50
N GLU B 22 12.89 25.02 11.42
CA GLU B 22 13.76 26.14 11.77
C GLU B 22 13.49 27.36 10.89
N ASN B 23 13.15 27.10 9.64
CA ASN B 23 13.02 28.16 8.65
C ASN B 23 11.60 28.33 8.17
N ASN B 24 10.70 27.56 8.78
CA ASN B 24 9.27 27.64 8.51
C ASN B 24 8.94 27.49 7.03
N ALA B 25 9.41 26.41 6.44
CA ALA B 25 9.15 26.13 5.03
C ALA B 25 8.80 24.66 4.83
N LEU B 26 7.84 24.41 3.96
CA LEU B 26 7.46 23.05 3.62
C LEU B 26 7.95 22.73 2.21
N HIS B 27 8.95 21.87 2.12
CA HIS B 27 9.53 21.53 0.82
C HIS B 27 8.85 20.31 0.21
N CYS B 28 8.28 20.49 -0.98
CA CYS B 28 7.60 19.38 -1.66
C CYS B 28 8.35 19.01 -2.93
N THR B 29 9.18 17.98 -2.84
CA THR B 29 9.95 17.54 -4.01
C THR B 29 9.12 16.57 -4.84
N ILE B 30 8.70 17.03 -6.02
CA ILE B 30 7.98 16.19 -6.95
C ILE B 30 9.00 15.53 -7.88
N SER B 31 9.19 14.21 -7.72
CA SER B 31 10.24 13.53 -8.45
C SER B 31 9.77 13.03 -9.82
N LYS B 32 8.92 12.01 -9.80
CA LYS B 32 8.53 11.34 -11.02
C LYS B 32 7.21 10.62 -10.86
N ALA B 33 6.61 10.26 -11.99
CA ALA B 33 5.43 9.40 -11.99
C ALA B 33 5.73 8.25 -12.93
N LYS B 34 4.98 7.16 -12.79
CA LYS B 34 5.16 5.99 -13.63
C LYS B 34 3.79 5.39 -13.99
N GLY B 35 3.63 5.02 -15.25
CA GLY B 35 2.42 4.36 -15.70
C GLY B 35 1.16 5.21 -15.64
N LEU B 36 1.31 6.52 -15.85
CA LEU B 36 0.17 7.43 -15.89
C LEU B 36 -0.84 7.04 -16.97
N LYS B 37 -2.12 7.11 -16.64
CA LYS B 37 -3.15 6.87 -17.64
C LYS B 37 -3.48 8.20 -18.32
N PRO B 38 -3.29 8.25 -19.65
CA PRO B 38 -3.58 9.47 -20.42
C PRO B 38 -5.07 9.75 -20.51
N MET B 39 -5.45 11.02 -20.59
CA MET B 39 -6.85 11.38 -20.75
C MET B 39 -7.43 10.79 -22.02
N ASP B 40 -6.59 10.72 -23.07
CA ASP B 40 -7.04 10.21 -24.36
C ASP B 40 -6.31 8.90 -24.70
N HIS B 41 -7.07 7.87 -25.05
CA HIS B 41 -6.53 6.55 -25.33
C HIS B 41 -5.59 6.54 -26.54
N ASN B 42 -5.76 7.50 -27.43
CA ASN B 42 -4.98 7.58 -28.66
C ASN B 42 -3.78 8.49 -28.54
N GLY B 43 -3.56 9.02 -27.34
CA GLY B 43 -2.48 9.95 -27.13
C GLY B 43 -1.59 9.56 -25.99
N LEU B 44 -0.62 10.40 -25.70
CA LEU B 44 0.18 10.24 -24.51
C LEU B 44 -0.27 11.33 -23.56
N ALA B 45 0.45 11.53 -22.47
CA ALA B 45 0.08 12.57 -21.52
C ALA B 45 1.01 13.77 -21.61
N ASP B 46 0.50 14.93 -21.22
CA ASP B 46 1.33 16.11 -21.00
C ASP B 46 1.24 16.47 -19.51
N PRO B 47 1.93 15.68 -18.66
CA PRO B 47 1.68 15.73 -17.22
C PRO B 47 2.35 16.89 -16.46
N TYR B 48 1.63 17.35 -15.44
CA TYR B 48 2.18 18.26 -14.45
C TYR B 48 1.49 17.95 -13.13
N VAL B 49 2.11 18.36 -12.04
CA VAL B 49 1.56 18.12 -10.71
C VAL B 49 1.17 19.44 -10.10
N LYS B 50 -0.02 19.51 -9.49
CA LYS B 50 -0.45 20.72 -8.81
C LYS B 50 -0.66 20.41 -7.34
N LEU B 51 -0.29 21.34 -6.48
CA LEU B 51 -0.42 21.13 -5.04
C LEU B 51 -1.42 22.14 -4.49
N HIS B 52 -2.24 21.71 -3.55
CA HIS B 52 -3.15 22.63 -2.86
C HIS B 52 -3.09 22.36 -1.36
N LEU B 53 -2.70 23.37 -0.61
CA LEU B 53 -2.69 23.27 0.85
C LEU B 53 -4.12 23.50 1.35
N LEU B 54 -4.67 22.55 2.08
CA LEU B 54 -6.07 22.63 2.50
C LEU B 54 -6.24 22.58 4.03
N PRO B 55 -7.18 23.39 4.57
CA PRO B 55 -7.93 24.44 3.87
C PRO B 55 -7.06 25.65 3.51
N GLY B 56 -7.57 26.46 2.59
CA GLY B 56 -6.86 27.62 2.11
C GLY B 56 -7.51 28.13 0.84
N ALA B 57 -8.29 29.20 0.97
CA ALA B 57 -9.04 29.76 -0.14
C ALA B 57 -8.10 30.38 -1.19
N SER B 58 -7.17 31.18 -0.71
CA SER B 58 -6.23 31.92 -1.55
C SER B 58 -5.51 31.04 -2.57
N LYS B 59 -5.21 31.63 -3.72
CA LYS B 59 -4.48 30.92 -4.77
C LYS B 59 -3.00 30.76 -4.39
N ALA B 60 -2.57 31.44 -3.33
CA ALA B 60 -1.22 31.27 -2.81
C ALA B 60 -1.05 29.89 -2.20
N ASN B 61 -2.15 29.22 -1.91
CA ASN B 61 -2.09 27.86 -1.39
C ASN B 61 -1.81 26.83 -2.47
N LYS B 62 -1.75 27.28 -3.71
CA LYS B 62 -1.54 26.37 -4.84
C LYS B 62 -0.16 26.54 -5.48
N LEU B 63 0.51 25.42 -5.72
CA LEU B 63 1.79 25.42 -6.40
C LEU B 63 1.73 24.38 -7.51
N ARG B 64 2.70 24.43 -8.43
CA ARG B 64 2.56 23.66 -9.65
C ARG B 64 3.92 23.42 -10.33
N THR B 65 4.13 22.19 -10.79
CA THR B 65 5.33 21.87 -11.56
C THR B 65 5.20 22.34 -12.99
N LYS B 66 6.32 22.33 -13.70
CA LYS B 66 6.31 22.54 -15.14
C LYS B 66 5.58 21.37 -15.81
N THR B 67 5.07 21.60 -17.00
CA THR B 67 4.40 20.56 -17.78
C THR B 67 5.42 19.83 -18.65
N LEU B 68 5.42 18.51 -18.60
CA LEU B 68 6.28 17.71 -19.49
C LEU B 68 5.47 17.21 -20.70
N ARG B 69 6.14 16.87 -21.79
CA ARG B 69 5.45 16.58 -23.04
C ARG B 69 5.53 15.11 -23.49
N ASN B 70 4.38 14.56 -23.88
CA ASN B 70 4.29 13.20 -24.45
C ASN B 70 4.97 12.11 -23.62
N THR B 71 4.56 11.94 -22.38
CA THR B 71 5.15 10.93 -21.51
C THR B 71 4.17 10.43 -20.46
N LEU B 72 4.19 9.12 -20.21
CA LEU B 72 3.39 8.54 -19.13
C LEU B 72 4.33 8.25 -17.97
N ASN B 73 5.63 8.47 -18.20
CA ASN B 73 6.65 8.28 -17.18
C ASN B 73 7.46 9.56 -16.95
N PRO B 74 6.79 10.65 -16.52
CA PRO B 74 7.50 11.93 -16.37
C PRO B 74 8.50 11.93 -15.23
N SER B 75 9.61 12.63 -15.42
CA SER B 75 10.51 12.93 -14.32
C SER B 75 10.63 14.44 -14.20
N TRP B 76 9.97 15.02 -13.19
CA TRP B 76 10.00 16.46 -12.99
C TRP B 76 11.23 16.87 -12.19
N ASN B 77 11.55 16.09 -11.16
CA ASN B 77 12.61 16.42 -10.22
C ASN B 77 12.57 17.89 -9.78
N GLU B 78 11.38 18.35 -9.42
CA GLU B 78 11.14 19.75 -9.12
C GLU B 78 10.66 19.93 -7.68
N THR B 79 11.30 20.84 -6.94
CA THR B 79 10.91 21.10 -5.56
C THR B 79 10.02 22.34 -5.43
N LEU B 80 8.80 22.13 -4.92
CA LEU B 80 7.86 23.23 -4.72
C LEU B 80 7.78 23.54 -3.23
N THR B 81 7.99 24.80 -2.89
CA THR B 81 8.08 25.16 -1.47
C THR B 81 6.99 26.12 -1.01
N TYR B 82 6.34 25.77 0.09
CA TYR B 82 5.49 26.71 0.80
C TYR B 82 6.32 27.38 1.88
N TYR B 83 6.24 28.70 1.97
CA TYR B 83 7.00 29.44 2.96
C TYR B 83 6.08 29.97 4.05
N GLY B 84 6.66 30.42 5.16
CA GLY B 84 5.87 30.92 6.27
C GLY B 84 4.92 29.87 6.83
N ILE B 85 5.41 28.64 6.90
CA ILE B 85 4.62 27.50 7.39
C ILE B 85 4.99 27.23 8.86
N THR B 86 4.00 27.20 9.74
CA THR B 86 4.25 27.01 11.17
C THR B 86 3.75 25.65 11.65
N ASP B 87 4.06 25.32 12.91
CA ASP B 87 3.59 24.09 13.53
C ASP B 87 2.06 24.01 13.52
N GLU B 88 1.40 25.16 13.69
CA GLU B 88 -0.05 25.22 13.64
C GLU B 88 -0.57 24.76 12.28
N ASP B 89 0.06 25.26 11.21
CA ASP B 89 -0.33 24.88 9.85
C ASP B 89 -0.17 23.38 9.61
N MET B 90 0.95 22.81 10.07
CA MET B 90 1.23 21.40 9.87
C MET B 90 0.23 20.50 10.60
N ILE B 91 -0.19 20.95 11.77
CA ILE B 91 -1.17 20.22 12.57
C ILE B 91 -2.55 20.23 11.92
N ARG B 92 -2.95 21.38 11.38
CA ARG B 92 -4.30 21.55 10.84
C ARG B 92 -4.48 21.16 9.37
N LYS B 93 -3.41 21.21 8.59
CA LYS B 93 -3.58 21.18 7.14
C LYS B 93 -3.28 19.86 6.44
N THR B 94 -3.85 19.72 5.25
CA THR B 94 -3.68 18.54 4.41
C THR B 94 -3.18 18.99 3.04
N LEU B 95 -2.19 18.28 2.51
CA LEU B 95 -1.67 18.61 1.19
C LEU B 95 -2.31 17.74 0.12
N ARG B 96 -3.10 18.36 -0.76
CA ARG B 96 -3.68 17.63 -1.89
C ARG B 96 -2.71 17.67 -3.05
N ILE B 97 -2.41 16.49 -3.59
CA ILE B 97 -1.46 16.37 -4.70
C ILE B 97 -2.15 15.74 -5.90
N SER B 98 -2.28 16.50 -6.99
CA SER B 98 -2.98 16.03 -8.17
C SER B 98 -2.10 15.97 -9.40
N VAL B 99 -2.04 14.80 -10.04
CA VAL B 99 -1.36 14.68 -11.32
C VAL B 99 -2.38 15.02 -12.41
N CYS B 100 -1.98 15.87 -13.35
CA CYS B 100 -2.90 16.36 -14.36
C CYS B 100 -2.32 16.21 -15.74
N ASP B 101 -3.19 16.00 -16.72
CA ASP B 101 -2.78 15.87 -18.10
C ASP B 101 -3.19 17.14 -18.82
N GLU B 102 -2.21 17.97 -19.17
CA GLU B 102 -2.50 19.25 -19.82
C GLU B 102 -2.87 19.08 -21.30
N ASP B 103 -3.66 18.05 -21.59
CA ASP B 103 -4.18 17.81 -22.93
C ASP B 103 -5.04 18.99 -23.35
N LYS B 104 -4.57 19.72 -24.36
CA LYS B 104 -5.29 20.90 -24.83
C LYS B 104 -6.62 20.56 -25.49
N PHE B 105 -6.78 19.28 -25.85
CA PHE B 105 -7.97 18.81 -26.57
C PHE B 105 -9.05 18.30 -25.62
N ARG B 106 -8.66 17.96 -24.39
CA ARG B 106 -9.59 17.47 -23.39
C ARG B 106 -9.77 18.48 -22.25
N HIS B 107 -11.02 18.73 -21.87
CA HIS B 107 -11.32 19.67 -20.79
C HIS B 107 -10.97 19.08 -19.43
N ASN B 108 -11.14 17.77 -19.28
CA ASN B 108 -10.69 17.08 -18.08
C ASN B 108 -9.17 16.92 -18.12
N GLU B 109 -8.52 17.36 -17.06
CA GLU B 109 -7.07 17.25 -16.95
C GLU B 109 -6.72 16.24 -15.86
N PHE B 110 -7.72 15.85 -15.07
CA PHE B 110 -7.47 15.05 -13.89
C PHE B 110 -7.11 13.60 -14.19
N ILE B 111 -5.88 13.21 -13.84
CA ILE B 111 -5.49 11.80 -13.92
C ILE B 111 -5.75 11.12 -12.58
N GLY B 112 -5.09 11.62 -11.53
CA GLY B 112 -5.18 11.00 -10.22
C GLY B 112 -4.65 11.92 -9.14
N GLU B 113 -4.89 11.54 -7.89
CA GLU B 113 -4.51 12.37 -6.76
C GLU B 113 -4.07 11.52 -5.58
N THR B 114 -3.48 12.18 -4.59
CA THR B 114 -3.31 11.62 -3.26
C THR B 114 -3.36 12.78 -2.27
N ARG B 115 -3.79 12.50 -1.05
CA ARG B 115 -3.89 13.54 -0.03
C ARG B 115 -2.99 13.19 1.14
N VAL B 116 -2.26 14.19 1.66
CA VAL B 116 -1.35 13.94 2.77
C VAL B 116 -1.63 14.84 3.97
N PRO B 117 -2.08 14.22 5.08
CA PRO B 117 -2.28 14.94 6.34
C PRO B 117 -0.92 15.32 6.89
N LEU B 118 -0.66 16.60 7.16
CA LEU B 118 0.70 17.04 7.46
C LEU B 118 1.10 16.83 8.92
N LYS B 119 0.12 16.64 9.81
CA LYS B 119 0.39 16.52 11.24
C LYS B 119 1.26 15.30 11.62
N LYS B 120 1.33 14.32 10.71
CA LYS B 120 2.17 13.14 10.95
C LYS B 120 3.64 13.44 10.63
N LEU B 121 3.88 14.45 9.81
CA LEU B 121 5.23 14.78 9.34
C LEU B 121 6.13 15.26 10.49
N LYS B 122 7.22 14.54 10.73
CA LYS B 122 8.17 14.96 11.76
C LYS B 122 9.07 16.08 11.22
N PRO B 123 9.32 17.10 12.06
CA PRO B 123 10.13 18.25 11.65
C PRO B 123 11.53 17.84 11.21
N ASN B 124 11.99 18.41 10.09
CA ASN B 124 13.35 18.21 9.61
C ASN B 124 13.71 16.77 9.27
N HIS B 125 12.70 15.98 8.94
CA HIS B 125 12.94 14.62 8.47
C HIS B 125 12.13 14.35 7.19
N THR B 126 12.86 14.12 6.11
CA THR B 126 12.24 13.86 4.82
C THR B 126 11.39 12.60 4.90
N LYS B 127 10.14 12.71 4.44
CA LYS B 127 9.34 11.52 4.20
C LYS B 127 9.17 11.35 2.70
N THR B 128 9.53 10.17 2.20
CA THR B 128 9.48 9.90 0.77
C THR B 128 8.31 8.99 0.42
N PHE B 129 7.53 9.40 -0.56
CA PHE B 129 6.32 8.68 -0.95
C PHE B 129 6.46 8.05 -2.33
N SER B 130 5.95 6.83 -2.49
CA SER B 130 5.74 6.27 -3.82
C SER B 130 4.35 5.67 -3.81
N ILE B 131 3.38 6.47 -4.26
CA ILE B 131 1.97 6.21 -4.03
C ILE B 131 1.22 5.82 -5.30
N CYS B 132 0.34 4.83 -5.20
CA CYS B 132 -0.59 4.54 -6.27
C CYS B 132 -1.67 5.61 -6.32
N LEU B 133 -1.71 6.35 -7.42
CA LEU B 133 -2.68 7.43 -7.59
C LEU B 133 -4.12 6.95 -7.41
N GLU B 134 -4.98 7.83 -6.91
CA GLU B 134 -6.36 7.46 -6.63
C GLU B 134 -7.36 8.34 -7.37
N LYS B 135 -8.56 7.82 -7.58
CA LYS B 135 -9.64 8.57 -8.21
C LYS B 135 -10.01 9.79 -7.38
N GLN B 136 -10.55 10.79 -8.06
CA GLN B 136 -10.97 12.04 -7.43
C GLN B 136 -11.97 11.80 -6.30
N LEU B 137 -11.97 12.69 -5.31
CA LEU B 137 -12.90 12.63 -4.19
C LEU B 137 -12.66 11.44 -3.26
N THR C 8 10.59 -30.30 -18.90
CA THR C 8 11.23 -29.00 -18.75
C THR C 8 10.74 -28.30 -17.49
N ALA C 9 11.10 -28.86 -16.33
CA ALA C 9 10.62 -28.38 -15.02
C ALA C 9 9.10 -28.44 -14.90
N LEU C 10 8.43 -27.63 -15.71
CA LEU C 10 6.97 -27.71 -15.87
C LEU C 10 6.65 -27.79 -17.35
N GLY C 11 7.64 -27.41 -18.17
CA GLY C 11 7.48 -27.35 -19.60
C GLY C 11 8.05 -26.05 -20.14
N THR C 12 8.33 -26.03 -21.45
CA THR C 12 8.83 -24.82 -22.11
C THR C 12 7.84 -24.40 -23.18
N LEU C 13 7.48 -23.12 -23.18
CA LEU C 13 6.48 -22.60 -24.10
C LEU C 13 7.08 -21.65 -25.13
N ASP C 14 6.74 -21.86 -26.39
CA ASP C 14 7.19 -20.97 -27.46
C ASP C 14 6.02 -20.17 -28.00
N PHE C 15 6.23 -18.87 -28.14
CA PHE C 15 5.17 -17.99 -28.63
C PHE C 15 5.78 -16.74 -29.25
N SER C 16 4.96 -16.00 -30.00
CA SER C 16 5.41 -14.76 -30.63
C SER C 16 4.40 -13.65 -30.41
N LEU C 17 4.90 -12.44 -30.19
CA LEU C 17 4.05 -11.27 -30.02
C LEU C 17 4.34 -10.24 -31.10
N LEU C 18 3.28 -9.65 -31.65
CA LEU C 18 3.43 -8.60 -32.64
C LEU C 18 2.47 -7.43 -32.40
N TYR C 19 3.03 -6.26 -32.08
CA TYR C 19 2.25 -5.06 -31.96
C TYR C 19 2.01 -4.49 -33.37
N ASP C 20 0.83 -4.79 -33.90
CA ASP C 20 0.37 -4.30 -35.20
C ASP C 20 -0.14 -2.88 -34.97
N GLN C 21 0.80 -1.93 -34.95
CA GLN C 21 0.50 -0.56 -34.50
C GLN C 21 -0.52 0.18 -35.36
N GLU C 22 -0.48 -0.02 -36.67
CA GLU C 22 -1.40 0.70 -37.56
C GLU C 22 -2.85 0.33 -37.27
N ASN C 23 -3.06 -0.92 -36.87
CA ASN C 23 -4.41 -1.45 -36.66
C ASN C 23 -4.78 -1.58 -35.20
N ASN C 24 -3.96 -1.02 -34.31
CA ASN C 24 -4.20 -1.06 -32.88
C ASN C 24 -4.44 -2.48 -32.38
N ALA C 25 -3.61 -3.40 -32.85
CA ALA C 25 -3.80 -4.81 -32.56
C ALA C 25 -2.53 -5.43 -32.03
N LEU C 26 -2.70 -6.34 -31.08
CA LEU C 26 -1.59 -7.12 -30.55
C LEU C 26 -1.83 -8.58 -30.92
N HIS C 27 -1.02 -9.10 -31.84
CA HIS C 27 -1.19 -10.48 -32.27
C HIS C 27 -0.33 -11.37 -31.40
N CYS C 28 -0.94 -12.39 -30.80
CA CYS C 28 -0.22 -13.29 -29.91
C CYS C 28 -0.26 -14.70 -30.45
N THR C 29 0.81 -15.10 -31.14
CA THR C 29 0.84 -16.45 -31.71
C THR C 29 1.35 -17.43 -30.67
N ILE C 30 0.46 -18.31 -30.21
CA ILE C 30 0.83 -19.37 -29.28
C ILE C 30 1.22 -20.59 -30.10
N SER C 31 2.52 -20.85 -30.20
CA SER C 31 3.03 -21.84 -31.14
C SER C 31 3.02 -23.27 -30.59
N LYS C 32 3.84 -23.51 -29.57
CA LYS C 32 3.96 -24.87 -29.04
C LYS C 32 4.51 -24.88 -27.63
N ALA C 33 4.34 -26.01 -26.95
CA ALA C 33 4.94 -26.23 -25.65
C ALA C 33 5.58 -27.61 -25.68
N LYS C 34 6.73 -27.77 -25.02
CA LYS C 34 7.37 -29.09 -24.97
C LYS C 34 7.70 -29.50 -23.55
N GLY C 35 7.65 -30.81 -23.29
CA GLY C 35 8.04 -31.34 -22.00
C GLY C 35 7.10 -31.02 -20.87
N LEU C 36 5.82 -30.83 -21.19
CA LEU C 36 4.80 -30.62 -20.15
C LEU C 36 4.78 -31.83 -19.25
N LYS C 37 4.59 -31.64 -17.95
CA LYS C 37 4.46 -32.77 -17.04
C LYS C 37 3.04 -33.33 -17.05
N PRO C 38 2.92 -34.66 -17.03
CA PRO C 38 1.63 -35.36 -16.96
C PRO C 38 0.66 -34.73 -15.95
N MET C 39 -0.61 -34.60 -16.34
CA MET C 39 -1.62 -33.97 -15.52
C MET C 39 -2.82 -34.89 -15.29
N ASP C 40 -2.95 -35.88 -16.17
CA ASP C 40 -4.15 -36.72 -16.23
C ASP C 40 -3.91 -38.17 -15.83
N HIS C 41 -5.01 -38.93 -15.78
CA HIS C 41 -4.97 -40.34 -15.41
C HIS C 41 -4.30 -41.21 -16.48
N ASN C 42 -4.30 -40.74 -17.73
CA ASN C 42 -3.69 -41.50 -18.81
C ASN C 42 -2.22 -41.16 -19.04
N GLY C 43 -1.65 -40.37 -18.14
CA GLY C 43 -0.24 -40.03 -18.20
C GLY C 43 0.06 -38.80 -19.05
N LEU C 44 -0.98 -38.24 -19.66
CA LEU C 44 -0.78 -37.12 -20.58
C LEU C 44 -1.44 -35.84 -20.06
N ALA C 45 -1.91 -34.99 -20.99
CA ALA C 45 -2.59 -33.76 -20.63
C ALA C 45 -3.50 -33.30 -21.78
N ASP C 46 -4.34 -32.32 -21.50
CA ASP C 46 -5.18 -31.69 -22.52
C ASP C 46 -4.97 -30.18 -22.46
N PRO C 47 -3.81 -29.71 -22.95
CA PRO C 47 -3.39 -28.33 -22.69
C PRO C 47 -4.07 -27.28 -23.55
N TYR C 48 -4.20 -26.08 -22.97
CA TYR C 48 -4.66 -24.91 -23.69
C TYR C 48 -4.01 -23.73 -22.99
N VAL C 49 -3.94 -22.60 -23.68
CA VAL C 49 -3.24 -21.44 -23.14
C VAL C 49 -4.21 -20.29 -22.95
N LYS C 50 -4.10 -19.60 -21.82
CA LYS C 50 -4.94 -18.46 -21.52
C LYS C 50 -4.08 -17.21 -21.51
N LEU C 51 -4.59 -16.14 -22.12
CA LEU C 51 -3.92 -14.84 -22.10
C LEU C 51 -4.73 -13.85 -21.27
N HIS C 52 -4.04 -13.08 -20.44
CA HIS C 52 -4.68 -12.03 -19.66
CA HIS C 52 -4.65 -12.05 -19.61
C HIS C 52 -3.86 -10.75 -19.78
N LEU C 53 -4.53 -9.66 -20.16
CA LEU C 53 -3.85 -8.36 -20.20
C LEU C 53 -3.97 -7.74 -18.81
N LEU C 54 -2.84 -7.38 -18.20
CA LEU C 54 -2.84 -6.89 -16.82
C LEU C 54 -2.74 -5.36 -16.75
N PRO C 55 -3.19 -4.78 -15.62
CA PRO C 55 -4.25 -3.78 -15.63
C PRO C 55 -5.35 -4.09 -16.65
N GLY C 56 -6.48 -4.58 -16.14
CA GLY C 56 -7.60 -4.95 -16.98
C GLY C 56 -8.68 -5.79 -16.32
N ALA C 57 -9.73 -5.11 -15.83
CA ALA C 57 -10.84 -5.80 -15.18
C ALA C 57 -11.70 -6.57 -16.18
N SER C 58 -12.16 -5.86 -17.22
CA SER C 58 -13.04 -6.43 -18.25
C SER C 58 -12.59 -7.80 -18.76
N LYS C 59 -13.56 -8.69 -18.95
CA LYS C 59 -13.27 -10.04 -19.43
C LYS C 59 -12.74 -10.03 -20.87
N ALA C 60 -12.82 -8.87 -21.51
CA ALA C 60 -12.30 -8.69 -22.86
C ALA C 60 -10.78 -8.66 -22.89
N ASN C 61 -10.17 -8.70 -21.70
CA ASN C 61 -8.72 -8.81 -21.59
C ASN C 61 -8.27 -10.26 -21.59
N LYS C 62 -9.24 -11.17 -21.60
CA LYS C 62 -8.96 -12.60 -21.55
C LYS C 62 -9.24 -13.31 -22.86
N LEU C 63 -8.23 -14.01 -23.39
CA LEU C 63 -8.39 -14.83 -24.58
C LEU C 63 -7.82 -16.21 -24.28
N ARG C 64 -8.20 -17.21 -25.06
CA ARG C 64 -7.63 -18.54 -24.87
C ARG C 64 -7.56 -19.35 -26.17
N THR C 65 -6.56 -20.20 -26.27
CA THR C 65 -6.40 -21.09 -27.42
C THR C 65 -7.34 -22.28 -27.34
N LYS C 66 -7.44 -23.02 -28.44
CA LYS C 66 -8.14 -24.29 -28.46
C LYS C 66 -7.41 -25.25 -27.52
N THR C 67 -8.12 -26.27 -27.07
CA THR C 67 -7.50 -27.34 -26.29
C THR C 67 -6.98 -28.40 -27.25
N LEU C 68 -5.75 -28.86 -27.04
CA LEU C 68 -5.24 -30.03 -27.76
C LEU C 68 -5.34 -31.26 -26.86
N ARG C 69 -5.84 -32.36 -27.41
CA ARG C 69 -6.06 -33.56 -26.60
C ARG C 69 -4.86 -34.50 -26.50
N ASN C 70 -4.69 -35.07 -25.31
CA ASN C 70 -3.70 -36.12 -25.04
C ASN C 70 -2.31 -35.84 -25.61
N THR C 71 -1.67 -34.80 -25.08
CA THR C 71 -0.30 -34.47 -25.50
C THR C 71 0.47 -33.70 -24.43
N LEU C 72 1.75 -34.03 -24.26
CA LEU C 72 2.62 -33.24 -23.39
C LEU C 72 3.46 -32.31 -24.25
N ASN C 73 3.26 -32.41 -25.57
CA ASN C 73 3.98 -31.59 -26.53
C ASN C 73 3.03 -30.94 -27.55
N PRO C 74 2.15 -30.04 -27.08
CA PRO C 74 1.13 -29.46 -27.95
C PRO C 74 1.71 -28.50 -28.97
N SER C 75 1.19 -28.54 -30.20
CA SER C 75 1.50 -27.52 -31.20
C SER C 75 0.21 -26.87 -31.67
N TRP C 76 -0.14 -25.75 -31.04
CA TRP C 76 -1.38 -25.05 -31.36
C TRP C 76 -1.24 -24.25 -32.65
N ASN C 77 -0.12 -23.54 -32.78
CA ASN C 77 0.12 -22.65 -33.92
C ASN C 77 -1.08 -21.75 -34.15
N GLU C 78 -1.61 -21.17 -33.07
CA GLU C 78 -2.81 -20.37 -33.13
C GLU C 78 -2.50 -18.94 -32.74
N THR C 79 -3.02 -18.00 -33.53
CA THR C 79 -2.80 -16.58 -33.24
C THR C 79 -4.06 -15.98 -32.61
N LEU C 80 -3.89 -15.37 -31.45
CA LEU C 80 -4.98 -14.69 -30.74
C LEU C 80 -4.69 -13.20 -30.77
N THR C 81 -5.68 -12.40 -31.13
CA THR C 81 -5.45 -10.97 -31.31
C THR C 81 -6.31 -10.12 -30.40
N TYR C 82 -5.68 -9.17 -29.72
CA TYR C 82 -6.40 -8.11 -29.00
C TYR C 82 -6.52 -6.89 -29.92
N TYR C 83 -7.68 -6.24 -29.92
CA TYR C 83 -7.84 -4.97 -30.63
C TYR C 83 -7.96 -3.82 -29.63
N GLY C 84 -8.00 -2.59 -30.12
CA GLY C 84 -8.08 -1.42 -29.26
C GLY C 84 -6.81 -1.16 -28.47
N ILE C 85 -5.70 -1.76 -28.93
CA ILE C 85 -4.41 -1.59 -28.27
C ILE C 85 -3.69 -0.34 -28.80
N THR C 86 -3.36 0.59 -27.92
CA THR C 86 -2.61 1.79 -28.32
C THR C 86 -1.27 1.87 -27.60
N ASP C 87 -0.51 2.91 -27.87
CA ASP C 87 0.82 3.02 -27.31
C ASP C 87 0.78 3.06 -25.78
N GLU C 88 -0.27 3.64 -25.21
CA GLU C 88 -0.37 3.71 -23.75
C GLU C 88 -0.56 2.32 -23.13
N ASP C 89 -1.20 1.41 -23.86
CA ASP C 89 -1.30 0.04 -23.41
C ASP C 89 0.06 -0.65 -23.41
N MET C 90 0.84 -0.40 -24.46
CA MET C 90 2.18 -0.98 -24.57
C MET C 90 3.06 -0.48 -23.42
N ILE C 91 2.88 0.78 -23.05
CA ILE C 91 3.65 1.38 -21.98
C ILE C 91 3.24 0.84 -20.60
N ARG C 92 1.94 0.64 -20.40
CA ARG C 92 1.42 0.37 -19.05
C ARG C 92 1.16 -1.10 -18.73
N LYS C 93 0.89 -1.90 -19.75
CA LYS C 93 0.34 -3.22 -19.50
C LYS C 93 1.34 -4.35 -19.70
N THR C 94 0.95 -5.51 -19.17
CA THR C 94 1.75 -6.72 -19.18
C THR C 94 0.85 -7.86 -19.61
N LEU C 95 1.37 -8.75 -20.46
CA LEU C 95 0.59 -9.90 -20.90
C LEU C 95 0.94 -11.12 -20.07
N ARG C 96 -0.07 -11.67 -19.40
CA ARG C 96 0.10 -12.86 -18.60
C ARG C 96 -0.30 -14.06 -19.45
N ILE C 97 0.59 -15.06 -19.52
CA ILE C 97 0.35 -16.24 -20.34
C ILE C 97 0.38 -17.47 -19.45
N SER C 98 -0.76 -18.15 -19.35
CA SER C 98 -0.85 -19.35 -18.51
C SER C 98 -1.14 -20.58 -19.35
N VAL C 99 -0.47 -21.68 -19.02
CA VAL C 99 -0.75 -22.96 -19.65
C VAL C 99 -1.55 -23.79 -18.66
N CYS C 100 -2.68 -24.35 -19.10
CA CYS C 100 -3.52 -25.13 -18.22
C CYS C 100 -3.91 -26.47 -18.87
N ASP C 101 -4.48 -27.36 -18.06
CA ASP C 101 -4.91 -28.67 -18.52
C ASP C 101 -6.42 -28.77 -18.43
N GLU C 102 -7.09 -28.92 -19.58
CA GLU C 102 -8.53 -29.06 -19.58
C GLU C 102 -8.93 -30.46 -19.13
N ASP C 103 -9.78 -30.51 -18.10
CA ASP C 103 -10.35 -31.77 -17.63
C ASP C 103 -11.85 -31.64 -17.70
N LYS C 104 -12.43 -32.24 -18.74
CA LYS C 104 -13.87 -32.17 -18.94
C LYS C 104 -14.58 -32.75 -17.72
N PHE C 105 -15.65 -32.08 -17.29
CA PHE C 105 -16.49 -32.52 -16.17
C PHE C 105 -15.83 -32.41 -14.81
N ARG C 106 -14.62 -31.85 -14.78
CA ARG C 106 -13.91 -31.57 -13.53
C ARG C 106 -13.28 -30.19 -13.60
N HIS C 107 -12.61 -29.77 -12.52
CA HIS C 107 -11.91 -28.49 -12.56
C HIS C 107 -10.70 -28.58 -13.48
N ASN C 108 -10.41 -27.51 -14.23
CA ASN C 108 -9.22 -27.51 -15.06
C ASN C 108 -7.99 -27.23 -14.19
N GLU C 109 -6.81 -27.68 -14.62
CA GLU C 109 -5.64 -27.60 -13.76
C GLU C 109 -4.55 -26.67 -14.32
N PHE C 110 -4.04 -25.79 -13.46
CA PHE C 110 -2.95 -24.90 -13.82
C PHE C 110 -1.66 -25.68 -14.04
N ILE C 111 -0.92 -25.35 -15.10
CA ILE C 111 0.36 -26.00 -15.34
C ILE C 111 1.51 -25.04 -15.03
N GLY C 112 1.58 -23.96 -15.79
CA GLY C 112 2.65 -22.99 -15.63
C GLY C 112 2.30 -21.69 -16.29
N GLU C 113 3.03 -20.64 -15.95
CA GLU C 113 2.75 -19.31 -16.49
C GLU C 113 4.03 -18.55 -16.75
N THR C 114 3.91 -17.48 -17.54
CA THR C 114 4.98 -16.50 -17.67
C THR C 114 4.34 -15.16 -18.00
N ARG C 115 5.14 -14.10 -17.96
CA ARG C 115 4.64 -12.76 -18.20
C ARG C 115 5.54 -12.00 -19.17
N VAL C 116 4.94 -11.15 -19.99
CA VAL C 116 5.71 -10.28 -20.87
C VAL C 116 5.24 -8.82 -20.76
N PRO C 117 6.11 -7.94 -20.23
CA PRO C 117 5.78 -6.51 -20.21
C PRO C 117 5.77 -5.99 -21.65
N LEU C 118 4.65 -5.41 -22.09
CA LEU C 118 4.54 -5.00 -23.49
C LEU C 118 5.55 -3.92 -23.91
N LYS C 119 6.06 -3.17 -22.94
CA LYS C 119 7.05 -2.13 -23.25
C LYS C 119 8.35 -2.69 -23.84
N LYS C 120 8.54 -4.00 -23.73
CA LYS C 120 9.71 -4.67 -24.32
C LYS C 120 9.54 -4.96 -25.81
N LEU C 121 8.37 -4.65 -26.36
CA LEU C 121 8.10 -4.91 -27.77
C LEU C 121 8.33 -3.66 -28.62
N LYS C 122 8.65 -3.86 -29.89
CA LYS C 122 8.75 -2.73 -30.83
C LYS C 122 7.56 -2.77 -31.78
N PRO C 123 7.04 -1.60 -32.17
CA PRO C 123 5.92 -1.60 -33.11
C PRO C 123 6.29 -2.27 -34.42
N ASN C 124 5.35 -3.06 -34.96
CA ASN C 124 5.50 -3.68 -36.27
C ASN C 124 6.68 -4.66 -36.38
N HIS C 125 7.16 -5.12 -35.23
CA HIS C 125 8.31 -6.02 -35.21
C HIS C 125 8.05 -7.23 -34.32
N THR C 126 7.84 -8.38 -34.95
CA THR C 126 7.58 -9.62 -34.21
C THR C 126 8.75 -10.02 -33.31
N LYS C 127 8.45 -10.27 -32.04
CA LYS C 127 9.43 -10.82 -31.10
C LYS C 127 9.00 -12.23 -30.68
N THR C 128 9.92 -13.19 -30.78
CA THR C 128 9.60 -14.57 -30.43
C THR C 128 10.23 -14.93 -29.08
N PHE C 129 9.53 -15.75 -28.30
CA PHE C 129 9.99 -16.15 -26.97
C PHE C 129 10.02 -17.67 -26.84
N SER C 130 10.96 -18.17 -26.05
CA SER C 130 10.94 -19.56 -25.62
C SER C 130 11.17 -19.55 -24.11
N ILE C 131 10.13 -19.89 -23.35
CA ILE C 131 10.15 -19.68 -21.90
C ILE C 131 9.87 -20.95 -21.12
N CYS C 132 10.82 -21.37 -20.29
CA CYS C 132 10.59 -22.49 -19.37
C CYS C 132 9.55 -22.02 -18.36
N LEU C 133 8.51 -22.81 -18.17
CA LEU C 133 7.34 -22.35 -17.43
C LEU C 133 7.57 -22.16 -15.94
N GLU C 134 7.06 -21.05 -15.42
CA GLU C 134 7.22 -20.66 -14.02
C GLU C 134 6.00 -21.09 -13.21
N LYS C 135 6.24 -21.58 -11.99
CA LYS C 135 5.16 -22.07 -11.13
C LYS C 135 4.12 -20.99 -10.82
N GLN C 136 2.97 -21.41 -10.30
CA GLN C 136 1.82 -20.52 -10.06
C GLN C 136 2.16 -19.25 -9.29
N ALA D 9 -21.13 -6.10 38.64
CA ALA D 9 -21.29 -4.75 39.20
C ALA D 9 -19.95 -4.02 39.24
N LEU D 10 -19.54 -3.47 38.09
CA LEU D 10 -18.21 -2.90 37.95
C LEU D 10 -18.22 -1.38 37.90
N GLY D 11 -19.41 -0.80 37.73
CA GLY D 11 -19.55 0.64 37.61
C GLY D 11 -20.21 1.02 36.30
N THR D 12 -20.51 2.31 36.18
CA THR D 12 -21.20 2.84 35.01
C THR D 12 -20.37 3.97 34.40
N LEU D 13 -20.15 3.92 33.09
CA LEU D 13 -19.32 4.93 32.44
C LEU D 13 -20.13 5.81 31.49
N ASP D 14 -19.98 7.13 31.65
CA ASP D 14 -20.64 8.10 30.79
C ASP D 14 -19.65 8.67 29.79
N PHE D 15 -20.00 8.57 28.50
CA PHE D 15 -19.15 9.11 27.45
C PHE D 15 -19.96 9.50 26.22
N SER D 16 -19.38 10.33 25.35
CA SER D 16 -20.07 10.75 24.14
C SER D 16 -19.13 10.67 22.94
N LEU D 17 -19.67 10.24 21.79
CA LEU D 17 -18.87 10.09 20.59
C LEU D 17 -19.40 10.97 19.47
N LEU D 18 -18.47 11.59 18.75
CA LEU D 18 -18.82 12.44 17.62
C LEU D 18 -17.79 12.29 16.49
N TYR D 19 -18.26 11.93 15.30
CA TYR D 19 -17.41 11.83 14.12
C TYR D 19 -17.54 13.08 13.22
N ASP D 20 -16.49 13.89 13.17
CA ASP D 20 -16.45 15.03 12.26
C ASP D 20 -16.04 14.53 10.89
N GLN D 21 -17.03 14.24 10.05
CA GLN D 21 -16.81 13.63 8.74
C GLN D 21 -15.90 14.46 7.81
N GLU D 22 -16.11 15.78 7.79
CA GLU D 22 -15.31 16.64 6.92
C GLU D 22 -13.83 16.64 7.32
N ASN D 23 -13.57 16.71 8.62
CA ASN D 23 -12.20 16.76 9.13
C ASN D 23 -11.64 15.38 9.48
N ASN D 24 -12.38 14.34 9.10
CA ASN D 24 -11.97 12.96 9.32
C ASN D 24 -11.45 12.72 10.74
N ALA D 25 -12.27 13.08 11.72
CA ALA D 25 -11.88 13.02 13.12
C ALA D 25 -12.99 12.45 13.99
N LEU D 26 -12.60 11.65 14.97
CA LEU D 26 -13.55 11.09 15.93
C LEU D 26 -13.25 11.65 17.30
N HIS D 27 -14.20 12.41 17.86
CA HIS D 27 -14.03 12.97 19.19
C HIS D 27 -14.67 12.06 20.23
N CYS D 28 -13.85 11.57 21.15
CA CYS D 28 -14.33 10.70 22.22
C CYS D 28 -14.28 11.45 23.53
N THR D 29 -15.44 11.90 23.98
CA THR D 29 -15.53 12.63 25.24
C THR D 29 -15.74 11.66 26.40
N ILE D 30 -14.72 11.50 27.22
CA ILE D 30 -14.79 10.67 28.42
C ILE D 30 -15.24 11.56 29.59
N SER D 31 -16.52 11.47 29.95
CA SER D 31 -17.10 12.36 30.95
C SER D 31 -16.82 11.92 32.38
N LYS D 32 -17.46 10.83 32.79
CA LYS D 32 -17.39 10.39 34.18
C LYS D 32 -17.74 8.92 34.38
N ALA D 33 -17.37 8.38 35.54
CA ALA D 33 -17.79 7.04 35.95
C ALA D 33 -18.47 7.10 37.32
N LYS D 34 -19.37 6.15 37.59
CA LYS D 34 -20.03 6.09 38.90
C LYS D 34 -20.05 4.66 39.47
N GLY D 35 -19.86 4.56 40.79
CA GLY D 35 -19.90 3.28 41.47
C GLY D 35 -18.89 2.27 40.97
N LEU D 36 -17.65 2.73 40.75
CA LEU D 36 -16.57 1.86 40.33
C LEU D 36 -16.25 0.84 41.41
N LYS D 37 -16.02 -0.41 41.01
CA LYS D 37 -15.61 -1.47 41.92
C LYS D 37 -14.31 -1.10 42.64
N PRO D 38 -14.34 -1.12 43.99
CA PRO D 38 -13.17 -0.77 44.81
C PRO D 38 -11.97 -1.64 44.47
N MET D 39 -10.81 -1.02 44.27
CA MET D 39 -9.64 -1.76 43.80
C MET D 39 -8.59 -2.01 44.87
N ASP D 40 -8.48 -1.11 45.84
CA ASP D 40 -7.55 -1.29 46.95
C ASP D 40 -8.20 -0.92 48.28
N LEU D 44 -11.24 2.40 47.29
CA LEU D 44 -11.06 3.48 46.32
C LEU D 44 -10.20 3.04 45.13
N ALA D 45 -9.86 3.99 44.26
CA ALA D 45 -9.03 3.70 43.09
C ALA D 45 -8.43 4.97 42.51
N ASP D 46 -7.53 4.82 41.55
CA ASP D 46 -6.95 5.96 40.86
C ASP D 46 -7.18 5.81 39.35
N PRO D 47 -8.44 5.98 38.92
CA PRO D 47 -8.91 5.56 37.60
C PRO D 47 -8.47 6.43 36.42
N TYR D 48 -8.21 5.77 35.29
CA TYR D 48 -8.05 6.41 34.00
C TYR D 48 -8.76 5.56 32.96
N VAL D 49 -9.00 6.13 31.78
CA VAL D 49 -9.70 5.40 30.71
C VAL D 49 -8.81 5.24 29.49
N LYS D 50 -8.61 3.98 29.07
CA LYS D 50 -7.83 3.68 27.88
C LYS D 50 -8.76 3.52 26.68
N LEU D 51 -8.40 4.19 25.57
CA LEU D 51 -9.15 4.03 24.34
C LEU D 51 -8.29 3.27 23.33
N HIS D 52 -8.92 2.36 22.60
CA HIS D 52 -8.20 1.56 21.61
C HIS D 52 -9.11 1.25 20.41
N LEU D 53 -8.70 1.73 19.23
CA LEU D 53 -9.39 1.42 17.98
C LEU D 53 -8.99 0.04 17.50
N LEU D 54 -9.97 -0.81 17.26
CA LEU D 54 -9.72 -2.16 16.75
C LEU D 54 -10.41 -2.33 15.40
N PRO D 55 -9.79 -3.09 14.48
CA PRO D 55 -8.48 -3.74 14.61
C PRO D 55 -7.35 -2.77 14.34
N GLY D 56 -6.69 -2.33 15.39
CA GLY D 56 -5.58 -1.41 15.27
C GLY D 56 -4.42 -1.72 16.19
N ALA D 57 -3.28 -2.08 15.60
CA ALA D 57 -2.10 -2.43 16.38
C ALA D 57 -1.19 -1.22 16.63
N SER D 58 -1.10 -0.35 15.64
CA SER D 58 -0.28 0.86 15.74
C SER D 58 -0.73 1.74 16.90
N LYS D 59 0.23 2.38 17.57
CA LYS D 59 -0.07 3.17 18.76
C LYS D 59 -0.86 4.44 18.45
N ALA D 60 -0.98 4.75 17.17
CA ALA D 60 -1.88 5.82 16.74
C ALA D 60 -3.33 5.44 17.08
N ASN D 61 -3.63 4.15 17.00
CA ASN D 61 -4.93 3.61 17.36
C ASN D 61 -5.24 3.71 18.86
N LYS D 62 -4.24 4.06 19.65
CA LYS D 62 -4.40 4.12 21.10
C LYS D 62 -4.34 5.55 21.66
N LEU D 63 -5.29 5.88 22.54
CA LEU D 63 -5.28 7.14 23.27
C LEU D 63 -5.63 6.82 24.73
N ARG D 64 -5.37 7.75 25.62
CA ARG D 64 -5.77 7.58 27.01
C ARG D 64 -5.97 8.90 27.74
N THR D 65 -6.66 8.81 28.87
CA THR D 65 -7.12 9.96 29.64
C THR D 65 -6.16 10.23 30.79
N LYS D 66 -6.10 11.48 31.25
CA LYS D 66 -5.38 11.83 32.47
C LYS D 66 -5.84 10.92 33.61
N THR D 67 -4.97 10.65 34.57
CA THR D 67 -5.34 9.82 35.71
C THR D 67 -5.89 10.67 36.86
N LEU D 68 -6.85 10.12 37.60
CA LEU D 68 -7.39 10.77 38.80
C LEU D 68 -6.98 9.97 40.02
N ARG D 69 -7.08 10.54 41.22
CA ARG D 69 -6.65 9.86 42.45
C ARG D 69 -7.76 9.63 43.48
N ASN D 70 -7.68 8.49 44.16
CA ASN D 70 -8.61 8.06 45.21
C ASN D 70 -10.08 8.45 45.07
N THR D 71 -10.73 7.94 44.02
CA THR D 71 -12.18 8.06 43.86
C THR D 71 -12.75 6.91 43.05
N LEU D 72 -13.99 6.55 43.37
CA LEU D 72 -14.72 5.51 42.64
C LEU D 72 -15.76 6.17 41.75
N ASN D 73 -15.90 7.48 41.88
CA ASN D 73 -16.83 8.25 41.07
C ASN D 73 -16.12 9.38 40.35
N PRO D 74 -15.17 9.03 39.46
CA PRO D 74 -14.33 10.05 38.84
C PRO D 74 -15.07 10.85 37.77
N SER D 75 -14.70 12.11 37.61
CA SER D 75 -15.25 12.97 36.57
C SER D 75 -14.11 13.56 35.75
N TRP D 76 -13.84 12.95 34.60
CA TRP D 76 -12.70 13.36 33.77
C TRP D 76 -13.05 14.60 32.95
N ASN D 77 -14.20 14.55 32.29
CA ASN D 77 -14.63 15.61 31.37
C ASN D 77 -13.53 15.94 30.36
N GLU D 78 -12.93 14.89 29.80
CA GLU D 78 -11.79 15.04 28.90
C GLU D 78 -12.12 14.48 27.53
N THR D 79 -11.81 15.24 26.49
CA THR D 79 -12.12 14.80 25.13
C THR D 79 -10.86 14.35 24.39
N LEU D 80 -10.78 13.05 24.14
CA LEU D 80 -9.67 12.47 23.39
C LEU D 80 -10.07 12.30 21.94
N THR D 81 -9.22 12.73 21.02
CA THR D 81 -9.58 12.73 19.60
C THR D 81 -8.63 11.92 18.73
N TYR D 82 -9.20 11.06 17.89
CA TYR D 82 -8.45 10.38 16.84
C TYR D 82 -8.57 11.18 15.55
N TYR D 83 -7.46 11.41 14.87
CA TYR D 83 -7.47 12.04 13.55
C TYR D 83 -7.09 11.03 12.47
N GLY D 84 -7.56 11.26 11.24
CA GLY D 84 -7.29 10.35 10.15
C GLY D 84 -8.40 9.32 9.98
N ILE D 85 -9.40 9.40 10.84
CA ILE D 85 -10.52 8.48 10.83
C ILE D 85 -11.30 8.63 9.53
N THR D 86 -11.27 7.60 8.68
CA THR D 86 -11.96 7.64 7.39
C THR D 86 -13.38 7.09 7.50
N ASP D 87 -14.10 7.15 6.38
CA ASP D 87 -15.44 6.56 6.31
C ASP D 87 -15.40 5.05 6.47
N GLU D 88 -14.31 4.45 6.01
CA GLU D 88 -14.15 3.00 6.10
C GLU D 88 -13.85 2.60 7.55
N ASP D 89 -13.05 3.40 8.24
CA ASP D 89 -12.75 3.15 9.64
C ASP D 89 -14.04 3.15 10.46
N MET D 90 -14.95 4.06 10.12
CA MET D 90 -16.23 4.17 10.80
C MET D 90 -17.12 2.95 10.58
N ILE D 91 -16.80 2.16 9.57
CA ILE D 91 -17.55 0.94 9.26
C ILE D 91 -16.93 -0.29 9.90
N ARG D 92 -15.60 -0.35 9.89
CA ARG D 92 -14.90 -1.59 10.23
C ARG D 92 -14.32 -1.59 11.63
N LYS D 93 -14.20 -0.41 12.22
CA LYS D 93 -13.56 -0.32 13.52
C LYS D 93 -14.52 -0.35 14.70
N THR D 94 -14.01 -0.88 15.80
CA THR D 94 -14.75 -0.95 17.06
C THR D 94 -13.89 -0.28 18.13
N LEU D 95 -14.50 0.61 18.90
CA LEU D 95 -13.74 1.35 19.92
C LEU D 95 -13.82 0.65 21.26
N ARG D 96 -12.67 0.18 21.75
CA ARG D 96 -12.64 -0.44 23.07
C ARG D 96 -12.34 0.61 24.13
N ILE D 97 -13.20 0.67 25.14
CA ILE D 97 -13.07 1.66 26.20
C ILE D 97 -12.87 0.98 27.55
N SER D 98 -11.65 1.07 28.09
CA SER D 98 -11.26 0.35 29.29
C SER D 98 -10.99 1.28 30.47
N VAL D 99 -11.77 1.14 31.53
CA VAL D 99 -11.49 1.87 32.77
C VAL D 99 -10.45 1.09 33.54
N CYS D 100 -9.27 1.69 33.72
CA CYS D 100 -8.18 1.00 34.38
C CYS D 100 -7.84 1.66 35.70
N ASP D 101 -7.01 1.00 36.50
CA ASP D 101 -6.53 1.58 37.75
C ASP D 101 -5.00 1.69 37.70
N GLU D 102 -4.50 2.83 38.16
CA GLU D 102 -3.08 3.11 38.07
C GLU D 102 -2.42 3.01 39.43
N ASP D 103 -1.35 2.22 39.50
CA ASP D 103 -0.47 2.19 40.66
C ASP D 103 0.95 2.35 40.16
N LYS D 104 1.53 3.53 40.36
CA LYS D 104 2.89 3.83 39.92
C LYS D 104 3.94 3.01 40.67
N PHE D 105 3.50 2.28 41.69
CA PHE D 105 4.41 1.50 42.52
C PHE D 105 4.17 -0.02 42.41
N ARG D 106 3.01 -0.39 41.86
CA ARG D 106 2.67 -1.80 41.69
C ARG D 106 2.55 -2.17 40.22
N HIS D 107 1.36 -2.58 39.82
CA HIS D 107 1.05 -2.88 38.42
C HIS D 107 -0.30 -2.27 38.08
N ASN D 108 -0.42 -1.65 36.91
CA ASN D 108 -1.68 -1.07 36.50
C ASN D 108 -2.75 -2.15 36.37
N GLU D 109 -3.98 -1.82 36.75
CA GLU D 109 -5.03 -2.84 36.90
C GLU D 109 -6.25 -2.56 36.03
N PHE D 110 -7.04 -3.60 35.78
CA PHE D 110 -8.26 -3.49 35.00
C PHE D 110 -9.48 -3.40 35.93
N ILE D 111 -10.38 -2.45 35.64
CA ILE D 111 -11.60 -2.30 36.45
C ILE D 111 -12.84 -2.76 35.68
N GLY D 112 -12.95 -2.33 34.43
CA GLY D 112 -14.10 -2.68 33.62
C GLY D 112 -14.04 -1.99 32.26
N GLU D 113 -14.79 -2.50 31.30
CA GLU D 113 -14.73 -1.95 29.95
C GLU D 113 -16.04 -2.10 29.18
N THR D 114 -16.12 -1.38 28.06
CA THR D 114 -17.18 -1.59 27.09
C THR D 114 -16.59 -1.41 25.71
N ARG D 115 -17.33 -1.83 24.69
CA ARG D 115 -16.89 -1.69 23.31
C ARG D 115 -17.98 -1.05 22.47
N VAL D 116 -17.57 -0.17 21.55
CA VAL D 116 -18.53 0.53 20.69
C VAL D 116 -18.19 0.37 19.22
N PRO D 117 -18.95 -0.46 18.50
CA PRO D 117 -18.76 -0.57 17.06
C PRO D 117 -19.10 0.77 16.40
N LEU D 118 -18.17 1.32 15.64
CA LEU D 118 -18.34 2.64 15.06
C LEU D 118 -19.43 2.67 13.98
N LYS D 119 -19.78 1.50 13.46
CA LYS D 119 -20.81 1.39 12.42
C LYS D 119 -22.17 1.92 12.87
N LYS D 120 -22.41 1.95 14.18
CA LYS D 120 -23.68 2.43 14.69
C LYS D 120 -23.75 3.96 14.79
N LEU D 121 -22.65 4.63 14.45
CA LEU D 121 -22.59 6.08 14.51
C LEU D 121 -22.94 6.73 13.16
N LYS D 122 -23.59 7.89 13.22
CA LYS D 122 -23.81 8.71 12.03
C LYS D 122 -22.88 9.92 12.07
N PRO D 123 -22.33 10.30 10.91
CA PRO D 123 -21.43 11.45 10.80
C PRO D 123 -22.04 12.72 11.39
N ASN D 124 -21.22 13.53 12.06
CA ASN D 124 -21.63 14.83 12.58
C ASN D 124 -22.75 14.80 13.63
N HIS D 125 -23.05 13.60 14.11
CA HIS D 125 -24.08 13.45 15.15
C HIS D 125 -23.52 12.76 16.40
N THR D 126 -23.50 13.51 17.50
CA THR D 126 -23.05 12.98 18.78
C THR D 126 -23.97 11.86 19.24
N LYS D 127 -23.38 10.74 19.67
CA LYS D 127 -24.14 9.74 20.39
C LYS D 127 -23.65 9.69 21.84
N THR D 128 -24.59 9.78 22.78
CA THR D 128 -24.25 9.84 24.20
C THR D 128 -24.50 8.48 24.85
N PHE D 129 -23.55 8.04 25.67
CA PHE D 129 -23.62 6.73 26.31
C PHE D 129 -23.59 6.85 27.84
N SER D 130 -24.32 5.95 28.51
CA SER D 130 -24.17 5.75 29.94
C SER D 130 -24.25 4.24 30.17
N ILE D 131 -23.08 3.59 30.24
CA ILE D 131 -23.01 2.14 30.07
C ILE D 131 -22.52 1.41 31.32
N CYS D 132 -23.13 0.26 31.61
CA CYS D 132 -22.66 -0.62 32.68
C CYS D 132 -21.40 -1.36 32.21
N LEU D 133 -20.31 -1.19 32.94
CA LEU D 133 -19.02 -1.76 32.56
C LEU D 133 -19.00 -3.29 32.59
N GLU D 134 -18.17 -3.88 31.75
CA GLU D 134 -18.09 -5.34 31.64
C GLU D 134 -16.71 -5.86 31.99
N LYS D 135 -16.64 -7.14 32.36
CA LYS D 135 -15.36 -7.76 32.67
C LYS D 135 -14.49 -7.86 31.42
N GLN D 136 -13.19 -8.03 31.62
CA GLN D 136 -12.25 -8.18 30.52
C GLN D 136 -12.41 -9.49 29.76
N LEU D 137 -12.40 -9.41 28.43
CA LEU D 137 -12.54 -10.59 27.59
C LEU D 137 -11.86 -10.37 26.24
#